data_6UR7
#
_entry.id   6UR7
#
_cell.length_a   78.824
_cell.length_b   78.824
_cell.length_c   210.242
_cell.angle_alpha   90.000
_cell.angle_beta   90.000
_cell.angle_gamma   90.000
#
_symmetry.space_group_name_H-M   'P 43 21 2'
#
loop_
_entity.id
_entity.type
_entity.pdbx_description
1 polymer 'Sel1 repeat family protein'
2 non-polymer 'SULFATE ION'
3 non-polymer DI(HYDROXYETHYL)ETHER
4 non-polymer 'TETRAETHYLENE GLYCOL'
5 non-polymer GLYCEROL
6 non-polymer 'TRIETHYLENE GLYCOL'
7 water water
#
_entity_poly.entity_id   1
_entity_poly.type   'polypeptide(L)'
_entity_poly.pdbx_seq_one_letter_code
;SNADNALTGIELYKAKKYEQAMTHLMTPDAQKNPAAQNLIGYLYDKGLGVEKNAEIANQWYLKAAEQGFAKAQFNLGLSY
EKGTGISKNMVEAVKWYRKAAEQNHAKAEMKMGYLTVEGIGTQKNYKEALQWYRRAAEHGDNRAYADIGLFYDQGNGVKK
DPNRAVQYYIMGAEKGDGEAQLFLADCYAKASGIPYDADRALYWYKESAKNGNITAMKVLSGIYKLGQLGIEKNPEKSRH
WLEMAKQKEAQP
;
_entity_poly.pdbx_strand_id   A,B
#
# COMPACT_ATOMS: atom_id res chain seq x y z
N ASN A 5 -18.68 -12.82 -13.55
CA ASN A 5 -18.19 -11.69 -12.75
C ASN A 5 -16.89 -12.04 -12.04
N ALA A 6 -15.89 -11.17 -12.18
CA ALA A 6 -14.57 -11.45 -11.60
C ALA A 6 -14.58 -11.31 -10.09
N LEU A 7 -15.37 -10.37 -9.55
CA LEU A 7 -15.36 -10.16 -8.10
C LEU A 7 -15.98 -11.34 -7.36
N THR A 8 -17.01 -11.97 -7.94
CA THR A 8 -17.57 -13.16 -7.32
C THR A 8 -16.64 -14.35 -7.43
N GLY A 9 -15.84 -14.42 -8.50
CA GLY A 9 -14.88 -15.51 -8.64
C GLY A 9 -13.75 -15.43 -7.64
N ILE A 10 -13.43 -14.24 -7.15
CA ILE A 10 -12.39 -14.10 -6.14
C ILE A 10 -12.90 -14.51 -4.77
N GLU A 11 -14.17 -14.20 -4.47
CA GLU A 11 -14.76 -14.65 -3.21
C GLU A 11 -14.88 -16.16 -3.17
N LEU A 12 -15.14 -16.80 -4.31
CA LEU A 12 -15.17 -18.26 -4.35
C LEU A 12 -13.78 -18.84 -4.15
N TYR A 13 -12.73 -18.12 -4.58
CA TYR A 13 -11.37 -18.58 -4.34
C TYR A 13 -11.03 -18.53 -2.86
N LYS A 14 -11.50 -17.50 -2.15
CA LYS A 14 -11.25 -17.41 -0.72
C LYS A 14 -11.92 -18.55 0.03
N ALA A 15 -13.04 -19.05 -0.49
CA ALA A 15 -13.77 -20.16 0.13
C ALA A 15 -13.24 -21.52 -0.31
N LYS A 16 -12.11 -21.56 -1.03
CA LYS A 16 -11.52 -22.78 -1.57
C LYS A 16 -12.48 -23.54 -2.49
N LYS A 17 -13.43 -22.83 -3.09
CA LYS A 17 -14.30 -23.42 -4.11
C LYS A 17 -13.68 -23.20 -5.48
N TYR A 18 -12.58 -23.95 -5.71
CA TYR A 18 -11.72 -23.69 -6.85
C TYR A 18 -12.41 -23.96 -8.18
N GLU A 19 -13.33 -24.93 -8.21
CA GLU A 19 -14.03 -25.22 -9.47
C GLU A 19 -15.05 -24.13 -9.78
N GLN A 20 -15.82 -23.69 -8.79
CA GLN A 20 -16.78 -22.61 -9.00
C GLN A 20 -16.08 -21.29 -9.26
N ALA A 21 -14.89 -21.08 -8.67
CA ALA A 21 -14.13 -19.87 -8.94
C ALA A 21 -13.64 -19.84 -10.38
N MET A 22 -13.21 -20.98 -10.90
CA MET A 22 -12.73 -21.04 -12.28
C MET A 22 -13.85 -20.70 -13.26
N THR A 23 -15.08 -21.12 -12.95
CA THR A 23 -16.20 -20.86 -13.85
C THR A 23 -16.51 -19.37 -13.93
N HIS A 24 -16.47 -18.68 -12.80
CA HIS A 24 -16.75 -17.24 -12.81
C HIS A 24 -15.62 -16.44 -13.46
N LEU A 25 -14.37 -16.89 -13.30
CA LEU A 25 -13.24 -16.18 -13.88
C LEU A 25 -13.15 -16.39 -15.39
N MET A 26 -13.67 -17.51 -15.90
CA MET A 26 -13.67 -17.78 -17.33
C MET A 26 -14.79 -17.04 -18.07
N THR A 27 -15.61 -16.28 -17.37
CA THR A 27 -16.65 -15.50 -18.02
C THR A 27 -16.02 -14.48 -18.96
N PRO A 28 -16.60 -14.25 -20.15
CA PRO A 28 -16.01 -13.28 -21.09
C PRO A 28 -15.71 -11.92 -20.49
N ASP A 29 -16.53 -11.43 -19.56
CA ASP A 29 -16.22 -10.14 -18.92
C ASP A 29 -15.12 -10.27 -17.87
N ALA A 30 -15.05 -11.41 -17.18
CA ALA A 30 -14.02 -11.62 -16.19
C ALA A 30 -12.70 -12.06 -16.80
N GLN A 31 -12.76 -12.79 -17.92
CA GLN A 31 -11.54 -13.26 -18.57
C GLN A 31 -10.67 -12.11 -19.06
N LYS A 32 -11.26 -10.92 -19.26
CA LYS A 32 -10.51 -9.74 -19.64
C LYS A 32 -9.96 -8.98 -18.44
N ASN A 33 -10.33 -9.38 -17.23
CA ASN A 33 -9.82 -8.73 -16.02
C ASN A 33 -8.42 -9.24 -15.73
N PRO A 34 -7.40 -8.36 -15.65
CA PRO A 34 -6.04 -8.85 -15.39
C PRO A 34 -5.90 -9.51 -14.02
N ALA A 35 -6.59 -9.01 -13.00
CA ALA A 35 -6.57 -9.67 -11.70
C ALA A 35 -7.17 -11.07 -11.79
N ALA A 36 -8.22 -11.22 -12.60
CA ALA A 36 -8.79 -12.55 -12.82
C ALA A 36 -7.85 -13.41 -13.64
N GLN A 37 -7.16 -12.82 -14.61
CA GLN A 37 -6.20 -13.58 -15.42
C GLN A 37 -5.04 -14.09 -14.57
N ASN A 38 -4.56 -13.25 -13.65
CA ASN A 38 -3.47 -13.68 -12.77
C ASN A 38 -3.93 -14.76 -11.81
N LEU A 39 -5.18 -14.67 -11.34
CA LEU A 39 -5.69 -15.69 -10.43
C LEU A 39 -5.88 -17.03 -11.14
N ILE A 40 -6.35 -16.99 -12.39
CA ILE A 40 -6.47 -18.22 -13.17
C ILE A 40 -5.10 -18.87 -13.34
N GLY A 41 -4.06 -18.06 -13.57
CA GLY A 41 -2.72 -18.61 -13.67
C GLY A 41 -2.26 -19.22 -12.36
N TYR A 42 -2.63 -18.59 -11.23
CA TYR A 42 -2.26 -19.13 -9.93
C TYR A 42 -2.93 -20.47 -9.67
N LEU A 43 -4.14 -20.69 -10.18
CA LEU A 43 -4.82 -21.97 -9.99
C LEU A 43 -4.12 -23.08 -10.77
N TYR A 44 -3.74 -22.80 -12.02
CA TYR A 44 -2.98 -23.79 -12.79
C TYR A 44 -1.58 -23.97 -12.22
N ASP A 45 -1.02 -22.92 -11.60
CA ASP A 45 0.34 -23.00 -11.09
C ASP A 45 0.41 -23.86 -9.83
N LYS A 46 -0.66 -23.91 -9.04
CA LYS A 46 -0.70 -24.70 -7.83
C LYS A 46 -1.57 -25.94 -7.93
N GLY A 47 -2.40 -26.06 -8.97
CA GLY A 47 -3.25 -27.22 -9.11
C GLY A 47 -4.53 -27.16 -8.30
N LEU A 48 -5.04 -25.96 -8.05
CA LEU A 48 -6.25 -25.79 -7.26
C LEU A 48 -7.46 -25.87 -8.19
N GLY A 49 -8.20 -26.97 -8.10
CA GLY A 49 -9.34 -27.21 -8.97
C GLY A 49 -8.99 -27.80 -10.32
N VAL A 50 -7.73 -27.74 -10.73
CA VAL A 50 -7.24 -28.31 -11.98
C VAL A 50 -5.92 -29.02 -11.70
N GLU A 51 -5.33 -29.57 -12.76
CA GLU A 51 -4.03 -30.20 -12.63
C GLU A 51 -2.93 -29.14 -12.67
N LYS A 52 -1.89 -29.35 -11.85
CA LYS A 52 -0.78 -28.41 -11.82
C LYS A 52 -0.08 -28.38 -13.17
N ASN A 53 -0.13 -27.22 -13.82
CA ASN A 53 0.51 -27.02 -15.11
C ASN A 53 1.13 -25.64 -15.14
N ALA A 54 2.46 -25.58 -15.11
CA ALA A 54 3.16 -24.30 -15.11
C ALA A 54 3.15 -23.64 -16.49
N GLU A 55 3.07 -24.44 -17.55
CA GLU A 55 3.04 -23.85 -18.90
C GLU A 55 1.73 -23.12 -19.15
N ILE A 56 0.60 -23.70 -18.73
CA ILE A 56 -0.66 -23.01 -18.86
C ILE A 56 -0.72 -21.81 -17.92
N ALA A 57 -0.11 -21.93 -16.74
CA ALA A 57 -0.09 -20.81 -15.80
C ALA A 57 0.63 -19.61 -16.38
N ASN A 58 1.76 -19.84 -17.06
CA ASN A 58 2.54 -18.73 -17.62
C ASN A 58 1.78 -17.99 -18.71
N GLN A 59 0.95 -18.70 -19.48
CA GLN A 59 0.17 -18.04 -20.53
C GLN A 59 -0.87 -17.10 -19.94
N TRP A 60 -1.42 -17.43 -18.76
CA TRP A 60 -2.33 -16.52 -18.10
C TRP A 60 -1.59 -15.41 -17.36
N TYR A 61 -0.41 -15.72 -16.80
CA TYR A 61 0.44 -14.67 -16.25
C TYR A 61 0.82 -13.66 -17.31
N LEU A 62 1.13 -14.14 -18.53
CA LEU A 62 1.55 -13.24 -19.59
C LEU A 62 0.43 -12.32 -20.04
N LYS A 63 -0.79 -12.84 -20.15
CA LYS A 63 -1.94 -12.01 -20.52
C LYS A 63 -2.08 -10.84 -19.55
N ALA A 64 -2.12 -11.12 -18.25
CA ALA A 64 -2.29 -10.05 -17.27
C ALA A 64 -1.06 -9.15 -17.21
N ALA A 65 0.14 -9.72 -17.39
CA ALA A 65 1.34 -8.90 -17.39
C ALA A 65 1.37 -7.95 -18.58
N GLU A 66 0.85 -8.38 -19.73
CA GLU A 66 0.80 -7.50 -20.89
C GLU A 66 -0.17 -6.35 -20.70
N GLN A 67 -1.08 -6.43 -19.74
CA GLN A 67 -1.94 -5.32 -19.38
C GLN A 67 -1.30 -4.40 -18.35
N GLY A 68 -0.12 -4.73 -17.85
CA GLY A 68 0.53 -3.93 -16.84
C GLY A 68 0.26 -4.35 -15.42
N PHE A 69 -0.34 -5.51 -15.20
CA PHE A 69 -0.62 -5.99 -13.85
C PHE A 69 0.68 -6.39 -13.18
N ALA A 70 1.07 -5.64 -12.15
CA ALA A 70 2.37 -5.84 -11.51
C ALA A 70 2.47 -7.22 -10.88
N LYS A 71 1.39 -7.69 -10.26
CA LYS A 71 1.42 -9.00 -9.61
C LYS A 71 1.66 -10.12 -10.61
N ALA A 72 1.22 -9.93 -11.85
CA ALA A 72 1.39 -10.98 -12.85
C ALA A 72 2.82 -11.01 -13.40
N GLN A 73 3.35 -9.85 -13.79
CA GLN A 73 4.71 -9.82 -14.31
C GLN A 73 5.74 -10.19 -13.24
N PHE A 74 5.38 -10.11 -11.96
CA PHE A 74 6.22 -10.69 -10.92
C PHE A 74 6.16 -12.21 -10.97
N ASN A 75 4.95 -12.76 -11.09
CA ASN A 75 4.81 -14.22 -11.20
C ASN A 75 5.51 -14.73 -12.46
N LEU A 76 5.43 -13.98 -13.55
CA LEU A 76 6.10 -14.39 -14.78
C LEU A 76 7.62 -14.33 -14.63
N GLY A 77 8.12 -13.28 -13.98
CA GLY A 77 9.55 -13.22 -13.69
C GLY A 77 9.99 -14.34 -12.76
N LEU A 78 9.11 -14.79 -11.87
CA LEU A 78 9.43 -15.93 -11.02
C LEU A 78 9.59 -17.21 -11.84
N SER A 79 8.70 -17.42 -12.81
CA SER A 79 8.81 -18.60 -13.66
C SER A 79 10.11 -18.60 -14.46
N TYR A 80 10.57 -17.42 -14.88
CA TYR A 80 11.86 -17.36 -15.56
C TYR A 80 13.01 -17.67 -14.62
N GLU A 81 12.90 -17.29 -13.35
CA GLU A 81 13.98 -17.51 -12.40
C GLU A 81 14.03 -18.97 -11.95
N LYS A 82 12.88 -19.59 -11.74
CA LYS A 82 12.82 -20.97 -11.28
C LYS A 82 12.76 -21.98 -12.42
N GLY A 83 12.43 -21.53 -13.64
CA GLY A 83 12.32 -22.44 -14.75
C GLY A 83 11.06 -23.28 -14.77
N THR A 84 10.00 -22.82 -14.12
CA THR A 84 8.75 -23.57 -14.07
C THR A 84 7.94 -23.33 -15.34
N GLY A 85 7.70 -24.39 -16.10
CA GLY A 85 6.96 -24.28 -17.33
C GLY A 85 7.65 -23.49 -18.43
N ILE A 86 8.92 -23.14 -18.25
CA ILE A 86 9.67 -22.38 -19.24
C ILE A 86 11.14 -22.58 -18.96
N SER A 87 11.97 -22.28 -19.95
CA SER A 87 13.41 -22.38 -19.77
C SER A 87 13.90 -21.31 -18.81
N LYS A 88 14.76 -21.70 -17.87
CA LYS A 88 15.32 -20.75 -16.92
C LYS A 88 16.11 -19.68 -17.67
N ASN A 89 15.73 -18.42 -17.45
CA ASN A 89 16.37 -17.29 -18.12
C ASN A 89 16.35 -16.10 -17.17
N MET A 90 17.54 -15.62 -16.79
CA MET A 90 17.61 -14.54 -15.82
C MET A 90 17.47 -13.17 -16.47
N VAL A 91 17.86 -13.03 -17.74
CA VAL A 91 17.68 -11.76 -18.44
C VAL A 91 16.19 -11.45 -18.57
N GLU A 92 15.39 -12.46 -18.92
CA GLU A 92 13.95 -12.24 -19.04
C GLU A 92 13.29 -12.06 -17.68
N ALA A 93 13.84 -12.69 -16.63
CA ALA A 93 13.31 -12.49 -15.29
C ALA A 93 13.51 -11.04 -14.83
N VAL A 94 14.69 -10.48 -15.07
CA VAL A 94 14.96 -9.10 -14.70
C VAL A 94 14.05 -8.16 -15.49
N LYS A 95 13.79 -8.48 -16.75
CA LYS A 95 12.92 -7.65 -17.57
C LYS A 95 11.52 -7.56 -16.96
N TRP A 96 11.00 -8.69 -16.46
CA TRP A 96 9.67 -8.68 -15.87
C TRP A 96 9.68 -8.25 -14.41
N TYR A 97 10.76 -8.55 -13.69
CA TYR A 97 10.90 -8.02 -12.33
C TYR A 97 10.95 -6.50 -12.35
N ARG A 98 11.59 -5.92 -13.37
CA ARG A 98 11.68 -4.46 -13.46
C ARG A 98 10.33 -3.85 -13.79
N LYS A 99 9.56 -4.48 -14.68
CA LYS A 99 8.23 -3.97 -15.01
C LYS A 99 7.34 -3.87 -13.77
N ALA A 100 7.39 -4.88 -12.90
CA ALA A 100 6.60 -4.84 -11.69
C ALA A 100 7.19 -3.89 -10.65
N ALA A 101 8.52 -3.85 -10.55
CA ALA A 101 9.16 -2.98 -9.57
C ALA A 101 8.91 -1.51 -9.86
N GLU A 102 8.82 -1.14 -11.14
CA GLU A 102 8.51 0.23 -11.50
C GLU A 102 7.11 0.64 -11.07
N GLN A 103 6.25 -0.31 -10.73
CA GLN A 103 4.90 -0.04 -10.25
C GLN A 103 4.77 -0.26 -8.75
N ASN A 104 5.87 -0.09 -8.01
CA ASN A 104 5.89 -0.14 -6.55
C ASN A 104 5.55 -1.53 -6.00
N HIS A 105 5.96 -2.58 -6.70
CA HIS A 105 5.78 -3.95 -6.22
C HIS A 105 6.93 -4.29 -5.26
N ALA A 106 6.60 -4.60 -4.01
CA ALA A 106 7.62 -4.74 -2.97
C ALA A 106 8.54 -5.92 -3.24
N LYS A 107 7.97 -7.10 -3.51
CA LYS A 107 8.80 -8.28 -3.75
C LYS A 107 9.65 -8.11 -5.00
N ALA A 108 9.10 -7.49 -6.04
CA ALA A 108 9.86 -7.28 -7.27
C ALA A 108 11.02 -6.33 -7.04
N GLU A 109 10.80 -5.27 -6.24
CA GLU A 109 11.90 -4.37 -5.90
C GLU A 109 12.98 -5.09 -5.09
N MET A 110 12.58 -6.03 -4.24
CA MET A 110 13.57 -6.85 -3.55
C MET A 110 14.34 -7.72 -4.53
N LYS A 111 13.65 -8.27 -5.54
CA LYS A 111 14.33 -9.02 -6.59
C LYS A 111 15.29 -8.13 -7.36
N MET A 112 14.85 -6.91 -7.70
CA MET A 112 15.71 -6.01 -8.47
C MET A 112 16.97 -5.64 -7.69
N GLY A 113 16.82 -5.38 -6.39
CA GLY A 113 17.99 -5.05 -5.60
C GLY A 113 18.96 -6.20 -5.45
N TYR A 114 18.44 -7.42 -5.30
CA TYR A 114 19.30 -8.59 -5.14
C TYR A 114 20.08 -8.88 -6.41
N LEU A 115 19.39 -8.88 -7.56
CA LEU A 115 20.04 -9.23 -8.82
C LEU A 115 20.96 -8.14 -9.32
N THR A 116 20.70 -6.88 -8.95
CA THR A 116 21.56 -5.79 -9.38
C THR A 116 22.85 -5.73 -8.55
N VAL A 117 22.81 -6.19 -7.31
CA VAL A 117 24.03 -6.28 -6.51
C VAL A 117 24.94 -7.37 -7.04
N GLU A 118 24.37 -8.55 -7.31
CA GLU A 118 25.17 -9.69 -7.75
C GLU A 118 25.51 -9.62 -9.24
N GLY A 119 24.70 -8.92 -10.03
CA GLY A 119 24.90 -8.89 -11.46
C GLY A 119 24.28 -10.03 -12.22
N ILE A 120 23.19 -10.62 -11.70
CA ILE A 120 22.53 -11.75 -12.33
C ILE A 120 21.42 -11.23 -13.22
N GLY A 121 21.49 -11.54 -14.51
CA GLY A 121 20.50 -11.08 -15.46
C GLY A 121 20.59 -9.61 -15.83
N THR A 122 21.53 -8.87 -15.25
CA THR A 122 21.70 -7.45 -15.53
C THR A 122 23.06 -7.02 -15.02
N GLN A 123 23.51 -5.85 -15.46
CA GLN A 123 24.80 -5.34 -15.03
C GLN A 123 24.79 -5.00 -13.55
N LYS A 124 25.89 -5.32 -12.86
CA LYS A 124 26.04 -4.96 -11.46
C LYS A 124 26.05 -3.46 -11.31
N ASN A 125 25.15 -2.93 -10.48
CA ASN A 125 25.02 -1.49 -10.27
C ASN A 125 24.68 -1.25 -8.80
N TYR A 126 25.69 -0.89 -8.01
CA TYR A 126 25.44 -0.63 -6.59
C TYR A 126 24.58 0.61 -6.40
N LYS A 127 24.70 1.60 -7.28
CA LYS A 127 23.86 2.79 -7.18
C LYS A 127 22.39 2.44 -7.34
N GLU A 128 22.05 1.77 -8.44
CA GLU A 128 20.65 1.47 -8.72
C GLU A 128 20.09 0.44 -7.75
N ALA A 129 20.91 -0.52 -7.33
CA ALA A 129 20.44 -1.53 -6.39
C ALA A 129 20.04 -0.93 -5.05
N LEU A 130 20.78 0.08 -4.60
CA LEU A 130 20.40 0.77 -3.37
C LEU A 130 19.06 1.48 -3.52
N GLN A 131 18.77 2.00 -4.71
CA GLN A 131 17.48 2.64 -4.94
C GLN A 131 16.34 1.64 -4.86
N TRP A 132 16.56 0.42 -5.34
CA TRP A 132 15.51 -0.59 -5.29
C TRP A 132 15.18 -1.00 -3.86
N TYR A 133 16.20 -1.15 -3.02
CA TYR A 133 15.95 -1.54 -1.63
C TYR A 133 15.23 -0.45 -0.86
N ARG A 134 15.50 0.81 -1.17
CA ARG A 134 14.79 1.90 -0.51
C ARG A 134 13.29 1.83 -0.81
N ARG A 135 12.94 1.64 -2.08
CA ARG A 135 11.54 1.51 -2.45
C ARG A 135 10.92 0.26 -1.84
N ALA A 136 11.69 -0.84 -1.79
CA ALA A 136 11.17 -2.07 -1.21
C ALA A 136 10.90 -1.89 0.29
N ALA A 137 11.77 -1.17 0.99
CA ALA A 137 11.53 -0.91 2.40
C ALA A 137 10.33 0.02 2.60
N GLU A 138 10.21 1.04 1.74
CA GLU A 138 9.10 1.97 1.84
C GLU A 138 7.77 1.29 1.50
N HIS A 139 7.79 0.30 0.62
CA HIS A 139 6.57 -0.34 0.15
C HIS A 139 6.18 -1.57 0.97
N GLY A 140 6.80 -1.78 2.12
CA GLY A 140 6.34 -2.82 3.02
C GLY A 140 7.34 -3.85 3.47
N ASP A 141 8.22 -4.29 2.57
CA ASP A 141 9.15 -5.38 2.88
C ASP A 141 10.16 -4.90 3.92
N ASN A 142 9.96 -5.30 5.17
CA ASN A 142 10.82 -4.86 6.27
C ASN A 142 12.21 -5.48 6.22
N ARG A 143 12.43 -6.48 5.37
CA ARG A 143 13.76 -7.08 5.24
C ARG A 143 14.74 -6.16 4.52
N ALA A 144 14.25 -5.12 3.84
CA ALA A 144 15.12 -4.26 3.06
C ALA A 144 15.97 -3.34 3.91
N TYR A 145 15.52 -3.01 5.13
CA TYR A 145 16.25 -2.07 5.96
C TYR A 145 17.65 -2.59 6.29
N ALA A 146 17.77 -3.87 6.63
CA ALA A 146 19.08 -4.44 6.88
C ALA A 146 19.93 -4.49 5.61
N ASP A 147 19.30 -4.73 4.46
CA ASP A 147 20.04 -4.74 3.20
C ASP A 147 20.56 -3.35 2.86
N ILE A 148 19.80 -2.31 3.19
CA ILE A 148 20.24 -0.94 2.92
C ILE A 148 21.48 -0.60 3.75
N GLY A 149 21.47 -0.99 5.03
CA GLY A 149 22.59 -0.64 5.90
C GLY A 149 23.90 -1.23 5.45
N LEU A 150 23.87 -2.36 4.74
CA LEU A 150 25.12 -2.98 4.29
C LEU A 150 25.81 -2.13 3.23
N PHE A 151 25.06 -1.35 2.46
CA PHE A 151 25.68 -0.45 1.48
C PHE A 151 26.53 0.61 2.19
N TYR A 152 26.09 1.08 3.34
CA TYR A 152 26.84 2.09 4.08
C TYR A 152 27.94 1.46 4.92
N ASP A 153 27.69 0.28 5.48
CA ASP A 153 28.70 -0.40 6.29
C ASP A 153 29.85 -0.91 5.44
N GLN A 154 29.67 -1.00 4.12
CA GLN A 154 30.71 -1.51 3.22
C GLN A 154 31.13 -0.49 2.17
N GLY A 155 30.44 0.63 2.04
CA GLY A 155 30.84 1.65 1.07
C GLY A 155 30.57 1.30 -0.37
N ASN A 156 29.48 0.57 -0.64
CA ASN A 156 29.12 0.18 -2.00
C ASN A 156 28.14 1.19 -2.56
N GLY A 157 28.59 1.96 -3.57
CA GLY A 157 27.78 3.00 -4.15
C GLY A 157 27.70 4.28 -3.35
N VAL A 158 28.01 4.23 -2.06
CA VAL A 158 28.05 5.40 -1.19
C VAL A 158 29.33 5.36 -0.38
N LYS A 159 29.60 6.44 0.34
CA LYS A 159 30.76 6.48 1.22
C LYS A 159 30.51 5.63 2.45
N LYS A 160 31.54 4.89 2.86
CA LYS A 160 31.43 4.02 4.03
C LYS A 160 31.09 4.82 5.28
N ASP A 161 29.84 4.74 5.72
CA ASP A 161 29.35 5.47 6.89
C ASP A 161 28.71 4.48 7.84
N PRO A 162 29.44 4.00 8.84
CA PRO A 162 28.83 3.07 9.81
C PRO A 162 27.69 3.68 10.59
N ASN A 163 27.63 5.01 10.70
CA ASN A 163 26.56 5.64 11.47
C ASN A 163 25.24 5.59 10.72
N ARG A 164 25.26 5.71 9.40
CA ARG A 164 24.03 5.58 8.62
C ARG A 164 23.57 4.13 8.54
N ALA A 165 24.50 3.18 8.57
CA ALA A 165 24.11 1.77 8.55
C ALA A 165 23.29 1.41 9.77
N VAL A 166 23.65 1.94 10.93
CA VAL A 166 22.91 1.64 12.16
C VAL A 166 21.51 2.24 12.11
N GLN A 167 21.35 3.40 11.47
CA GLN A 167 20.05 4.03 11.38
C GLN A 167 19.05 3.11 10.70
N TYR A 168 19.48 2.42 9.63
CA TYR A 168 18.60 1.48 8.95
C TYR A 168 18.43 0.18 9.73
N TYR A 169 19.46 -0.24 10.46
CA TYR A 169 19.30 -1.41 11.33
C TYR A 169 18.27 -1.12 12.43
N ILE A 170 18.27 0.10 12.96
CA ILE A 170 17.31 0.48 13.98
C ILE A 170 15.89 0.47 13.41
N MET A 171 15.71 1.05 12.22
CA MET A 171 14.40 1.03 11.57
C MET A 171 13.93 -0.39 11.33
N GLY A 172 14.84 -1.29 10.91
CA GLY A 172 14.48 -2.67 10.72
C GLY A 172 14.30 -3.45 12.01
N ALA A 173 14.92 -2.99 13.10
CA ALA A 173 14.76 -3.66 14.39
C ALA A 173 13.43 -3.33 15.04
N GLU A 174 12.93 -2.11 14.84
CA GLU A 174 11.61 -1.75 15.38
C GLU A 174 10.51 -2.58 14.74
N LYS A 175 10.61 -2.81 13.44
CA LYS A 175 9.58 -3.54 12.70
C LYS A 175 9.78 -5.05 12.75
N GLY A 176 10.73 -5.54 13.56
CA GLY A 176 10.87 -6.96 13.79
C GLY A 176 11.50 -7.74 12.66
N ASP A 177 12.77 -7.47 12.37
CA ASP A 177 13.52 -8.20 11.36
C ASP A 177 14.75 -8.82 12.02
N GLY A 178 14.90 -10.14 11.86
CA GLY A 178 16.01 -10.83 12.50
C GLY A 178 17.37 -10.37 12.01
N GLU A 179 17.51 -10.21 10.69
CA GLU A 179 18.78 -9.79 10.14
C GLU A 179 19.13 -8.37 10.55
N ALA A 180 18.13 -7.49 10.64
CA ALA A 180 18.37 -6.12 11.10
C ALA A 180 18.73 -6.11 12.59
N GLN A 181 18.00 -6.88 13.40
CA GLN A 181 18.32 -6.97 14.82
C GLN A 181 19.67 -7.65 15.05
N LEU A 182 20.10 -8.50 14.11
CA LEU A 182 21.44 -9.08 14.20
C LEU A 182 22.50 -7.99 14.04
N PHE A 183 22.38 -7.18 12.99
CA PHE A 183 23.37 -6.14 12.74
C PHE A 183 23.36 -5.08 13.84
N LEU A 184 22.18 -4.75 14.37
CA LEU A 184 22.11 -3.77 15.43
C LEU A 184 22.78 -4.28 16.70
N ALA A 185 22.48 -5.52 17.09
CA ALA A 185 23.13 -6.11 18.26
C ALA A 185 24.64 -6.23 18.04
N ASP A 186 25.07 -6.45 16.80
CA ASP A 186 26.50 -6.49 16.51
C ASP A 186 27.10 -5.09 16.57
N CYS A 187 26.34 -4.07 16.16
CA CYS A 187 26.85 -2.70 16.23
C CYS A 187 27.00 -2.23 17.67
N TYR A 188 26.15 -2.72 18.58
CA TYR A 188 26.30 -2.39 19.99
C TYR A 188 27.54 -3.04 20.61
N ALA A 189 28.04 -4.11 20.02
CA ALA A 189 29.19 -4.83 20.55
C ALA A 189 30.51 -4.25 20.06
N LYS A 190 30.65 -4.05 18.76
CA LYS A 190 31.86 -3.50 18.17
C LYS A 190 31.84 -1.97 18.08
N ALA A 191 30.83 -1.33 18.68
CA ALA A 191 30.73 0.13 18.71
C ALA A 191 30.75 0.74 17.32
N SER A 192 30.20 0.02 16.34
CA SER A 192 30.18 0.50 14.96
C SER A 192 28.94 1.34 14.75
N GLY A 193 29.13 2.65 14.58
CA GLY A 193 28.04 3.57 14.32
C GLY A 193 27.16 3.90 15.51
N ILE A 194 27.32 3.21 16.63
CA ILE A 194 26.50 3.44 17.82
C ILE A 194 27.37 3.21 19.05
N PRO A 195 27.21 3.98 20.12
CA PRO A 195 28.04 3.77 21.31
C PRO A 195 27.87 2.38 21.89
N TYR A 196 28.97 1.84 22.39
CA TYR A 196 28.98 0.47 22.92
C TYR A 196 28.00 0.32 24.08
N ASP A 197 27.24 -0.77 24.05
CA ASP A 197 26.28 -1.08 25.12
C ASP A 197 26.14 -2.59 25.17
N ALA A 198 26.76 -3.21 26.17
CA ALA A 198 26.69 -4.67 26.31
C ALA A 198 25.28 -5.14 26.62
N ASP A 199 24.50 -4.34 27.36
CA ASP A 199 23.15 -4.76 27.72
C ASP A 199 22.22 -4.69 26.51
N ARG A 200 22.35 -3.65 25.69
CA ARG A 200 21.49 -3.52 24.51
C ARG A 200 21.89 -4.49 23.40
N ALA A 201 23.16 -4.88 23.34
CA ALA A 201 23.56 -5.93 22.40
C ALA A 201 22.82 -7.23 22.72
N LEU A 202 22.92 -7.68 23.97
CA LEU A 202 22.18 -8.87 24.39
C LEU A 202 20.68 -8.67 24.26
N TYR A 203 20.20 -7.44 24.46
CA TYR A 203 18.77 -7.18 24.34
C TYR A 203 18.28 -7.36 22.91
N TRP A 204 19.12 -7.06 21.91
CA TRP A 204 18.74 -7.22 20.52
C TRP A 204 19.10 -8.60 19.97
N TYR A 205 19.85 -9.40 20.72
CA TYR A 205 19.93 -10.83 20.40
C TYR A 205 18.72 -11.58 20.94
N LYS A 206 18.16 -11.10 22.06
CA LYS A 206 16.98 -11.76 22.63
C LYS A 206 15.75 -11.53 21.77
N GLU A 207 15.53 -10.29 21.33
CA GLU A 207 14.42 -10.02 20.43
C GLU A 207 14.64 -10.62 19.06
N SER A 208 15.89 -10.89 18.68
CA SER A 208 16.17 -11.58 17.43
C SER A 208 15.80 -13.05 17.50
N ALA A 209 15.58 -13.60 18.69
CA ALA A 209 15.09 -14.96 18.84
C ALA A 209 13.57 -15.04 18.83
N LYS A 210 12.90 -13.99 19.28
CA LYS A 210 11.44 -13.94 19.18
C LYS A 210 11.00 -13.86 17.72
N ASN A 211 11.50 -12.86 17.00
CA ASN A 211 11.25 -12.70 15.57
C ASN A 211 12.44 -13.28 14.82
N GLY A 212 12.23 -14.42 14.17
CA GLY A 212 13.31 -15.08 13.46
C GLY A 212 14.28 -15.78 14.39
N ASN A 213 15.31 -16.36 13.78
CA ASN A 213 16.35 -17.06 14.53
C ASN A 213 17.57 -17.31 13.65
N ILE A 214 18.30 -16.24 13.34
CA ILE A 214 19.45 -16.33 12.45
C ILE A 214 20.62 -16.95 13.21
N THR A 215 21.78 -17.00 12.57
CA THR A 215 22.98 -17.55 13.20
C THR A 215 23.76 -16.48 13.97
N ALA A 216 23.03 -15.68 14.74
CA ALA A 216 23.67 -14.90 15.80
C ALA A 216 24.14 -15.80 16.93
N MET A 217 23.73 -17.06 16.94
CA MET A 217 24.18 -18.02 17.93
C MET A 217 25.62 -18.43 17.71
N LYS A 218 26.16 -18.26 16.51
CA LYS A 218 27.59 -18.42 16.30
C LYS A 218 28.37 -17.34 17.05
N VAL A 219 27.78 -16.16 17.21
CA VAL A 219 28.37 -15.12 18.04
C VAL A 219 27.93 -15.26 19.49
N LEU A 220 26.70 -15.74 19.73
CA LEU A 220 26.24 -15.96 21.10
C LEU A 220 27.09 -17.01 21.81
N SER A 221 27.25 -18.18 21.18
CA SER A 221 28.09 -19.23 21.75
C SER A 221 29.57 -18.84 21.79
N GLY A 222 29.95 -17.76 21.12
CA GLY A 222 31.33 -17.33 21.09
C GLY A 222 31.72 -16.37 22.20
N ILE A 223 30.78 -15.49 22.59
CA ILE A 223 31.09 -14.52 23.64
C ILE A 223 30.90 -15.09 25.03
N TYR A 224 30.07 -16.12 25.20
CA TYR A 224 30.00 -16.84 26.46
C TYR A 224 31.15 -17.81 26.65
N LYS A 225 32.01 -17.97 25.65
CA LYS A 225 33.13 -18.91 25.73
C LYS A 225 34.47 -18.18 25.73
N GLN A 228 33.12 -12.51 27.36
CA GLN A 228 33.16 -11.33 26.50
C GLN A 228 31.87 -10.52 26.66
N LEU A 229 31.94 -9.23 26.32
CA LEU A 229 30.81 -8.31 26.44
C LEU A 229 30.36 -8.19 27.89
N GLY A 230 31.32 -8.20 28.81
CA GLY A 230 31.03 -7.99 30.22
C GLY A 230 30.28 -9.14 30.86
N ILE A 231 30.19 -10.26 30.15
CA ILE A 231 29.46 -11.44 30.62
C ILE A 231 30.48 -12.50 31.00
N GLU A 232 30.34 -13.03 32.22
CA GLU A 232 31.18 -14.14 32.65
C GLU A 232 30.91 -15.36 31.79
N LYS A 233 31.97 -16.11 31.50
CA LYS A 233 31.87 -17.27 30.62
C LYS A 233 30.94 -18.32 31.22
N ASN A 234 29.81 -18.56 30.55
CA ASN A 234 28.85 -19.56 30.99
C ASN A 234 29.08 -20.86 30.24
N PRO A 235 29.12 -22.00 30.93
CA PRO A 235 29.24 -23.28 30.22
C PRO A 235 27.97 -23.62 29.43
N GLU A 236 26.81 -23.51 30.07
CA GLU A 236 25.56 -23.87 29.40
C GLU A 236 25.26 -22.95 28.22
N LYS A 237 25.51 -21.65 28.39
CA LYS A 237 25.15 -20.69 27.34
C LYS A 237 26.03 -20.86 26.10
N SER A 238 27.35 -20.88 26.28
CA SER A 238 28.29 -20.93 25.16
C SER A 238 28.17 -22.22 24.36
N ARG A 239 27.28 -23.09 24.76
CA ARG A 239 27.17 -24.42 24.18
C ARG A 239 25.75 -24.78 23.75
N HIS A 240 24.75 -24.41 24.54
CA HIS A 240 23.37 -24.63 24.12
C HIS A 240 23.01 -23.78 22.90
N TRP A 241 23.71 -22.67 22.68
CA TRP A 241 23.48 -21.87 21.49
C TRP A 241 24.05 -22.54 20.23
N LEU A 242 24.92 -23.53 20.37
CA LEU A 242 25.54 -24.15 19.22
C LEU A 242 24.70 -25.28 18.62
N GLU A 243 23.81 -25.89 19.41
CA GLU A 243 22.87 -26.86 18.85
C GLU A 243 21.93 -26.18 17.86
N MET A 244 21.24 -25.13 18.31
CA MET A 244 20.35 -24.37 17.43
C MET A 244 21.09 -23.76 16.25
N ALA A 245 22.41 -23.58 16.36
CA ALA A 245 23.23 -23.15 15.24
C ALA A 245 23.67 -24.29 14.34
N LYS A 246 23.73 -25.52 14.86
CA LYS A 246 24.08 -26.67 14.06
C LYS A 246 22.87 -27.48 13.60
N GLN A 247 21.85 -27.62 14.45
CA GLN A 247 20.67 -28.38 14.07
C GLN A 247 19.90 -27.71 12.94
N LYS A 248 19.93 -26.37 12.88
CA LYS A 248 19.28 -25.66 11.79
C LYS A 248 20.16 -25.52 10.56
N GLU A 249 21.43 -25.91 10.65
CA GLU A 249 22.33 -25.90 9.50
C GLU A 249 22.12 -27.15 8.65
N ASN B 2 25.80 4.30 -13.11
CA ASN B 2 25.32 5.28 -12.15
C ASN B 2 23.89 4.92 -11.69
N ALA B 3 23.23 5.89 -11.06
CA ALA B 3 21.88 5.68 -10.56
C ALA B 3 20.85 5.86 -11.68
N ASP B 4 19.65 5.33 -11.44
CA ASP B 4 18.57 5.45 -12.40
C ASP B 4 17.93 6.82 -12.32
N ASN B 5 17.75 7.46 -13.48
CA ASN B 5 17.18 8.80 -13.51
C ASN B 5 15.75 8.82 -12.99
N ALA B 6 14.93 7.86 -13.43
CA ALA B 6 13.54 7.82 -12.96
C ALA B 6 13.47 7.57 -11.46
N LEU B 7 14.26 6.63 -10.96
CA LEU B 7 14.26 6.35 -9.52
C LEU B 7 14.80 7.53 -8.73
N THR B 8 15.79 8.23 -9.27
CA THR B 8 16.32 9.42 -8.59
C THR B 8 15.28 10.52 -8.55
N GLY B 9 14.54 10.73 -9.64
CA GLY B 9 13.52 11.76 -9.65
C GLY B 9 12.39 11.49 -8.68
N ILE B 10 12.04 10.22 -8.47
CA ILE B 10 10.93 9.89 -7.58
C ILE B 10 11.31 10.19 -6.14
N GLU B 11 12.51 9.79 -5.72
CA GLU B 11 12.96 10.10 -4.37
C GLU B 11 13.25 11.59 -4.20
N LEU B 12 13.56 12.30 -5.29
CA LEU B 12 13.69 13.75 -5.20
C LEU B 12 12.34 14.40 -4.95
N TYR B 13 11.29 13.90 -5.60
CA TYR B 13 9.94 14.40 -5.33
C TYR B 13 9.54 14.10 -3.89
N LYS B 14 9.87 12.91 -3.39
CA LYS B 14 9.55 12.56 -2.00
C LYS B 14 10.30 13.44 -1.02
N ALA B 15 11.47 13.94 -1.41
CA ALA B 15 12.22 14.90 -0.59
C ALA B 15 11.68 16.32 -0.73
N LYS B 16 10.58 16.49 -1.46
CA LYS B 16 9.95 17.81 -1.68
C LYS B 16 10.91 18.76 -2.37
N LYS B 17 11.72 18.23 -3.29
CA LYS B 17 12.63 19.00 -4.13
C LYS B 17 12.15 18.83 -5.57
N TYR B 18 11.08 19.55 -5.91
CA TYR B 18 10.40 19.33 -7.19
C TYR B 18 11.18 19.88 -8.38
N GLU B 19 12.01 20.91 -8.15
CA GLU B 19 12.79 21.47 -9.25
C GLU B 19 13.86 20.48 -9.71
N GLN B 20 14.54 19.83 -8.77
CA GLN B 20 15.56 18.86 -9.14
C GLN B 20 14.95 17.57 -9.67
N ALA B 21 13.74 17.23 -9.23
CA ALA B 21 13.12 15.98 -9.65
C ALA B 21 12.82 15.98 -11.15
N MET B 22 12.24 17.09 -11.64
CA MET B 22 11.93 17.18 -13.07
C MET B 22 13.19 17.11 -13.93
N THR B 23 14.32 17.56 -13.39
CA THR B 23 15.58 17.47 -14.15
C THR B 23 15.92 16.03 -14.47
N HIS B 24 15.65 15.11 -13.54
CA HIS B 24 15.89 13.69 -13.77
C HIS B 24 14.72 13.00 -14.44
N LEU B 25 13.49 13.42 -14.13
CA LEU B 25 12.31 12.74 -14.69
C LEU B 25 12.20 12.97 -16.19
N MET B 26 12.56 14.16 -16.66
CA MET B 26 12.39 14.51 -18.06
C MET B 26 13.49 13.98 -18.96
N THR B 27 14.42 13.18 -18.44
CA THR B 27 15.42 12.56 -19.29
C THR B 27 14.76 11.49 -20.16
N PRO B 28 15.32 11.22 -21.34
CA PRO B 28 14.66 10.26 -22.25
C PRO B 28 14.46 8.88 -21.66
N ASP B 29 15.43 8.39 -20.89
CA ASP B 29 15.29 7.05 -20.30
C ASP B 29 14.26 7.05 -19.18
N ALA B 30 14.19 8.13 -18.40
CA ALA B 30 13.23 8.17 -17.29
C ALA B 30 11.80 8.34 -17.78
N GLN B 31 11.61 8.97 -18.94
CA GLN B 31 10.28 9.18 -19.48
C GLN B 31 9.61 7.90 -19.95
N LYS B 32 10.31 6.76 -19.91
CA LYS B 32 9.70 5.48 -20.21
C LYS B 32 9.13 4.80 -18.97
N ASN B 33 9.57 5.20 -17.78
CA ASN B 33 9.09 4.60 -16.54
C ASN B 33 7.64 5.02 -16.31
N PRO B 34 6.73 4.07 -16.10
CA PRO B 34 5.33 4.45 -15.86
C PRO B 34 5.13 5.28 -14.59
N ALA B 35 5.84 4.94 -13.51
CA ALA B 35 5.72 5.73 -12.29
C ALA B 35 6.27 7.14 -12.49
N ALA B 36 7.34 7.27 -13.26
CA ALA B 36 7.87 8.59 -13.58
C ALA B 36 6.90 9.38 -14.45
N GLN B 37 6.27 8.73 -15.42
CA GLN B 37 5.30 9.40 -16.26
C GLN B 37 4.12 9.93 -15.44
N ASN B 38 3.64 9.14 -14.50
CA ASN B 38 2.56 9.60 -13.63
C ASN B 38 3.01 10.75 -12.75
N LEU B 39 4.26 10.70 -12.28
CA LEU B 39 4.79 11.79 -11.46
C LEU B 39 4.97 13.06 -12.28
N ILE B 40 5.35 12.92 -13.56
CA ILE B 40 5.47 14.09 -14.43
C ILE B 40 4.11 14.76 -14.61
N GLY B 41 3.07 13.95 -14.85
CA GLY B 41 1.74 14.52 -15.00
C GLY B 41 1.25 15.22 -13.74
N TYR B 42 1.51 14.62 -12.58
CA TYR B 42 1.10 15.26 -11.33
C TYR B 42 1.84 16.57 -11.13
N LEU B 43 3.13 16.62 -11.47
CA LEU B 43 3.87 17.87 -11.36
C LEU B 43 3.43 18.90 -12.39
N TYR B 44 2.95 18.44 -13.55
CA TYR B 44 2.35 19.37 -14.50
C TYR B 44 1.00 19.88 -14.00
N ASP B 45 0.29 19.08 -13.21
CA ASP B 45 -0.99 19.52 -12.66
C ASP B 45 -0.79 20.59 -11.59
N LYS B 46 0.24 20.44 -10.76
CA LYS B 46 0.47 21.36 -9.65
C LYS B 46 1.41 22.50 -10.00
N GLY B 47 2.08 22.45 -11.15
CA GLY B 47 3.02 23.48 -11.52
C GLY B 47 4.29 23.50 -10.69
N LEU B 48 4.74 22.33 -10.23
CA LEU B 48 5.93 22.21 -9.40
C LEU B 48 7.06 21.64 -10.24
N GLY B 49 8.13 22.41 -10.38
CA GLY B 49 9.24 22.04 -11.23
C GLY B 49 9.01 22.29 -12.70
N VAL B 50 7.85 22.81 -13.08
CA VAL B 50 7.50 23.03 -14.48
C VAL B 50 6.26 23.92 -14.50
N GLU B 51 5.97 24.49 -15.67
CA GLU B 51 4.76 25.30 -15.79
C GLU B 51 3.52 24.43 -15.61
N LYS B 52 2.47 25.03 -15.06
CA LYS B 52 1.23 24.30 -14.84
C LYS B 52 0.52 24.06 -16.17
N ASN B 53 0.07 22.83 -16.38
CA ASN B 53 -0.62 22.47 -17.62
C ASN B 53 -1.36 21.16 -17.38
N ALA B 54 -2.68 21.26 -17.18
CA ALA B 54 -3.48 20.06 -16.95
C ALA B 54 -3.69 19.24 -18.21
N GLU B 55 -3.58 19.86 -19.39
CA GLU B 55 -3.70 19.11 -20.63
C GLU B 55 -2.47 18.26 -20.88
N ILE B 56 -1.27 18.83 -20.70
CA ILE B 56 -0.05 18.05 -20.78
C ILE B 56 -0.02 17.00 -19.67
N ALA B 57 -0.60 17.32 -18.51
CA ALA B 57 -0.68 16.35 -17.43
C ALA B 57 -1.42 15.09 -17.86
N ASN B 58 -2.54 15.25 -18.58
CA ASN B 58 -3.30 14.09 -19.02
C ASN B 58 -2.55 13.30 -20.09
N GLN B 59 -1.68 13.96 -20.87
CA GLN B 59 -0.86 13.23 -21.83
C GLN B 59 0.10 12.28 -21.13
N TRP B 60 0.65 12.70 -20.00
CA TRP B 60 1.55 11.83 -19.24
C TRP B 60 0.77 10.80 -18.43
N TYR B 61 -0.40 11.17 -17.92
CA TYR B 61 -1.27 10.18 -17.28
C TYR B 61 -1.61 9.06 -18.24
N LEU B 62 -1.90 9.39 -19.50
CA LEU B 62 -2.30 8.39 -20.47
C LEU B 62 -1.14 7.46 -20.83
N LYS B 63 0.07 8.02 -20.98
CA LYS B 63 1.24 7.19 -21.29
C LYS B 63 1.49 6.16 -20.21
N ALA B 64 1.25 6.53 -18.94
CA ALA B 64 1.45 5.59 -17.85
C ALA B 64 0.22 4.71 -17.64
N ALA B 65 -0.98 5.23 -17.88
CA ALA B 65 -2.18 4.40 -17.79
C ALA B 65 -2.19 3.32 -18.87
N GLU B 66 -1.62 3.61 -20.04
CA GLU B 66 -1.51 2.60 -21.09
C GLU B 66 -0.49 1.52 -20.75
N GLN B 67 0.42 1.79 -19.81
CA GLN B 67 1.33 0.77 -19.30
C GLN B 67 0.73 -0.03 -18.15
N GLY B 68 -0.48 0.29 -17.73
CA GLY B 68 -1.14 -0.42 -16.66
C GLY B 68 -0.89 0.13 -15.27
N PHE B 69 -0.38 1.35 -15.15
CA PHE B 69 -0.09 1.94 -13.85
C PHE B 69 -1.40 2.42 -13.22
N ALA B 70 -1.76 1.83 -12.08
CA ALA B 70 -3.07 2.10 -11.48
C ALA B 70 -3.21 3.55 -11.05
N LYS B 71 -2.13 4.15 -10.53
CA LYS B 71 -2.21 5.56 -10.13
C LYS B 71 -2.55 6.45 -11.32
N ALA B 72 -1.93 6.21 -12.47
CA ALA B 72 -2.22 7.02 -13.65
C ALA B 72 -3.63 6.77 -14.16
N GLN B 73 -4.10 5.52 -14.09
CA GLN B 73 -5.48 5.23 -14.45
C GLN B 73 -6.46 5.94 -13.54
N PHE B 74 -6.11 6.10 -12.26
CA PHE B 74 -6.97 6.84 -11.35
C PHE B 74 -6.95 8.33 -11.65
N ASN B 75 -5.75 8.90 -11.83
CA ASN B 75 -5.65 10.34 -12.11
C ASN B 75 -6.30 10.67 -13.44
N LEU B 76 -6.16 9.80 -14.44
CA LEU B 76 -6.81 10.03 -15.73
C LEU B 76 -8.33 9.98 -15.59
N GLY B 77 -8.83 9.01 -14.81
CA GLY B 77 -10.26 8.96 -14.55
C GLY B 77 -10.75 10.13 -13.73
N LEU B 78 -9.92 10.64 -12.81
CA LEU B 78 -10.29 11.81 -12.04
C LEU B 78 -10.34 13.06 -12.91
N SER B 79 -9.48 13.14 -13.93
CA SER B 79 -9.55 14.26 -14.87
C SER B 79 -10.84 14.22 -15.68
N TYR B 80 -11.39 13.03 -15.91
CA TYR B 80 -12.67 12.93 -16.61
C TYR B 80 -13.85 13.28 -15.71
N GLU B 81 -13.74 13.01 -14.40
CA GLU B 81 -14.82 13.34 -13.49
C GLU B 81 -14.89 14.84 -13.23
N LYS B 82 -13.75 15.44 -12.87
CA LYS B 82 -13.71 16.87 -12.55
C LYS B 82 -13.50 17.75 -13.77
N GLY B 83 -13.26 17.17 -14.94
CA GLY B 83 -13.07 17.97 -16.14
C GLY B 83 -11.77 18.73 -16.18
N THR B 84 -10.75 18.27 -15.46
CA THR B 84 -9.47 18.96 -15.39
C THR B 84 -8.59 18.54 -16.57
N GLY B 85 -8.19 19.52 -17.38
CA GLY B 85 -7.37 19.26 -18.55
C GLY B 85 -8.06 18.55 -19.69
N ILE B 86 -9.36 18.30 -19.58
CA ILE B 86 -10.10 17.57 -20.61
C ILE B 86 -11.58 17.79 -20.33
N SER B 87 -12.41 17.61 -21.35
CA SER B 87 -13.85 17.78 -21.19
C SER B 87 -14.41 16.69 -20.29
N LYS B 88 -15.37 17.07 -19.46
CA LYS B 88 -15.92 16.15 -18.46
C LYS B 88 -16.66 15.00 -19.14
N ASN B 89 -16.45 13.79 -18.63
CA ASN B 89 -17.09 12.60 -19.17
C ASN B 89 -17.10 11.54 -18.08
N MET B 90 -18.30 11.09 -17.69
CA MET B 90 -18.40 10.09 -16.63
C MET B 90 -18.24 8.67 -17.14
N VAL B 91 -18.60 8.41 -18.41
CA VAL B 91 -18.42 7.07 -18.94
C VAL B 91 -16.95 6.75 -19.15
N GLU B 92 -16.10 7.76 -19.30
CA GLU B 92 -14.66 7.56 -19.34
C GLU B 92 -14.04 7.56 -17.96
N ALA B 93 -14.68 8.20 -16.98
CA ALA B 93 -14.18 8.14 -15.61
C ALA B 93 -14.35 6.75 -15.02
N VAL B 94 -15.51 6.12 -15.26
CA VAL B 94 -15.73 4.76 -14.75
C VAL B 94 -14.82 3.76 -15.47
N LYS B 95 -14.46 4.05 -16.72
CA LYS B 95 -13.58 3.14 -17.45
C LYS B 95 -12.19 3.09 -16.81
N TRP B 96 -11.64 4.25 -16.46
CA TRP B 96 -10.30 4.29 -15.88
C TRP B 96 -10.32 4.06 -14.39
N TYR B 97 -11.41 4.39 -13.70
CA TYR B 97 -11.55 4.01 -12.29
C TYR B 97 -11.59 2.49 -12.14
N ARG B 98 -12.30 1.81 -13.04
CA ARG B 98 -12.40 0.36 -12.95
C ARG B 98 -11.05 -0.32 -13.21
N LYS B 99 -10.32 0.16 -14.22
CA LYS B 99 -9.00 -0.40 -14.50
C LYS B 99 -8.09 -0.30 -13.28
N ALA B 100 -8.13 0.83 -12.57
CA ALA B 100 -7.31 1.00 -11.38
C ALA B 100 -7.86 0.20 -10.21
N ALA B 101 -9.18 0.21 -10.03
CA ALA B 101 -9.78 -0.52 -8.91
C ALA B 101 -9.53 -2.02 -9.03
N GLU B 102 -9.49 -2.55 -10.26
CA GLU B 102 -9.17 -3.96 -10.45
C GLU B 102 -7.76 -4.29 -10.00
N GLN B 103 -6.87 -3.31 -9.93
CA GLN B 103 -5.50 -3.50 -9.49
C GLN B 103 -5.30 -3.10 -8.02
N ASN B 104 -6.35 -3.23 -7.21
CA ASN B 104 -6.26 -3.03 -5.77
C ASN B 104 -5.87 -1.59 -5.41
N HIS B 105 -6.36 -0.64 -6.21
CA HIS B 105 -6.15 0.78 -5.92
C HIS B 105 -7.26 1.26 -4.99
N ALA B 106 -6.88 1.68 -3.78
CA ALA B 106 -7.86 1.98 -2.75
C ALA B 106 -8.77 3.13 -3.14
N LYS B 107 -8.18 4.27 -3.54
CA LYS B 107 -8.99 5.43 -3.89
C LYS B 107 -9.87 5.17 -5.10
N ALA B 108 -9.41 4.36 -6.03
CA ALA B 108 -10.24 4.01 -7.18
C ALA B 108 -11.40 3.10 -6.78
N GLU B 109 -11.17 2.21 -5.81
CA GLU B 109 -12.25 1.35 -5.33
C GLU B 109 -13.30 2.15 -4.56
N MET B 110 -12.89 3.24 -3.91
CA MET B 110 -13.86 4.15 -3.29
C MET B 110 -14.72 4.82 -4.36
N LYS B 111 -14.14 5.10 -5.53
CA LYS B 111 -14.93 5.68 -6.61
C LYS B 111 -15.91 4.66 -7.18
N MET B 112 -15.44 3.43 -7.42
CA MET B 112 -16.32 2.40 -7.99
C MET B 112 -17.49 2.09 -7.07
N GLY B 113 -17.27 2.14 -5.76
CA GLY B 113 -18.37 1.92 -4.82
C GLY B 113 -19.42 3.00 -4.90
N TYR B 114 -18.99 4.27 -4.98
CA TYR B 114 -19.94 5.37 -5.08
C TYR B 114 -20.63 5.39 -6.44
N LEU B 115 -19.88 5.17 -7.52
CA LEU B 115 -20.46 5.21 -8.85
C LEU B 115 -21.38 4.04 -9.12
N THR B 116 -21.21 2.92 -8.42
CA THR B 116 -22.13 1.80 -8.54
C THR B 116 -23.27 1.85 -7.53
N VAL B 117 -23.13 2.65 -6.47
CA VAL B 117 -24.24 2.90 -5.57
C VAL B 117 -25.22 3.89 -6.19
N GLU B 118 -24.70 5.02 -6.67
CA GLU B 118 -25.55 6.05 -7.23
C GLU B 118 -25.99 5.73 -8.65
N GLY B 119 -25.22 4.92 -9.37
CA GLY B 119 -25.55 4.58 -10.74
C GLY B 119 -25.07 5.56 -11.78
N ILE B 120 -24.04 6.34 -11.49
CA ILE B 120 -23.52 7.33 -12.42
C ILE B 120 -22.42 6.68 -13.25
N GLY B 121 -22.62 6.64 -14.57
CA GLY B 121 -21.67 6.03 -15.48
C GLY B 121 -21.69 4.52 -15.52
N THR B 122 -22.46 3.87 -14.65
CA THR B 122 -22.54 2.42 -14.61
C THR B 122 -23.88 2.03 -13.99
N GLN B 123 -24.45 0.93 -14.49
CA GLN B 123 -25.71 0.44 -13.95
C GLN B 123 -25.60 0.22 -12.44
N LYS B 124 -26.61 0.68 -11.72
CA LYS B 124 -26.62 0.55 -10.26
C LYS B 124 -26.60 -0.92 -9.86
N ASN B 125 -25.74 -1.25 -8.89
CA ASN B 125 -25.65 -2.60 -8.37
C ASN B 125 -25.27 -2.52 -6.90
N TYR B 126 -26.16 -2.96 -6.01
CA TYR B 126 -25.91 -2.85 -4.58
C TYR B 126 -24.89 -3.88 -4.11
N LYS B 127 -25.00 -5.12 -4.59
CA LYS B 127 -24.07 -6.16 -4.16
C LYS B 127 -22.67 -5.90 -4.68
N GLU B 128 -22.54 -5.50 -5.94
CA GLU B 128 -21.22 -5.19 -6.50
C GLU B 128 -20.59 -3.98 -5.82
N ALA B 129 -21.40 -2.99 -5.44
CA ALA B 129 -20.86 -1.79 -4.82
C ALA B 129 -20.32 -2.08 -3.42
N LEU B 130 -20.98 -2.96 -2.67
CA LEU B 130 -20.50 -3.31 -1.34
C LEU B 130 -19.15 -4.03 -1.41
N GLN B 131 -18.93 -4.83 -2.45
CA GLN B 131 -17.65 -5.51 -2.59
C GLN B 131 -16.52 -4.53 -2.88
N TRP B 132 -16.79 -3.46 -3.63
CA TRP B 132 -15.77 -2.45 -3.88
C TRP B 132 -15.38 -1.73 -2.60
N TYR B 133 -16.37 -1.33 -1.79
CA TYR B 133 -16.08 -0.63 -0.55
C TYR B 133 -15.31 -1.53 0.42
N ARG B 134 -15.62 -2.83 0.43
CA ARG B 134 -14.86 -3.75 1.26
C ARG B 134 -13.39 -3.79 0.83
N ARG B 135 -13.15 -3.83 -0.49
CA ARG B 135 -11.77 -3.82 -0.98
C ARG B 135 -11.07 -2.52 -0.62
N ALA B 136 -11.78 -1.39 -0.70
CA ALA B 136 -11.19 -0.12 -0.28
C ALA B 136 -10.82 -0.12 1.19
N ALA B 137 -11.62 -0.80 2.02
CA ALA B 137 -11.28 -0.93 3.43
C ALA B 137 -10.09 -1.86 3.64
N GLU B 138 -9.97 -2.91 2.82
CA GLU B 138 -8.84 -3.81 2.92
C GLU B 138 -7.54 -3.16 2.46
N HIS B 139 -7.61 -2.09 1.69
CA HIS B 139 -6.44 -1.49 1.07
C HIS B 139 -6.02 -0.18 1.73
N GLY B 140 -6.61 0.18 2.88
CA GLY B 140 -6.11 1.26 3.69
C GLY B 140 -6.93 2.53 3.70
N ASP B 141 -8.02 2.60 2.96
CA ASP B 141 -8.86 3.80 2.93
C ASP B 141 -9.87 3.70 4.07
N ASN B 142 -9.65 4.48 5.13
CA ASN B 142 -10.50 4.42 6.32
C ASN B 142 -11.88 5.01 6.09
N ARG B 143 -12.10 5.73 4.99
CA ARG B 143 -13.41 6.29 4.70
C ARG B 143 -14.42 5.23 4.29
N ALA B 144 -13.98 4.02 3.95
CA ALA B 144 -14.89 3.00 3.46
C ALA B 144 -15.84 2.50 4.55
N TYR B 145 -15.40 2.55 5.81
CA TYR B 145 -16.21 1.98 6.89
C TYR B 145 -17.55 2.70 7.04
N ALA B 146 -17.53 4.04 6.95
CA ALA B 146 -18.79 4.78 7.04
C ALA B 146 -19.69 4.48 5.86
N ASP B 147 -19.13 4.24 4.68
CA ASP B 147 -19.94 3.90 3.52
C ASP B 147 -20.48 2.48 3.60
N ILE B 148 -19.72 1.55 4.17
CA ILE B 148 -20.21 0.18 4.32
C ILE B 148 -21.39 0.12 5.28
N GLY B 149 -21.32 0.88 6.37
CA GLY B 149 -22.39 0.85 7.34
C GLY B 149 -23.71 1.37 6.80
N LEU B 150 -23.67 2.24 5.79
CA LEU B 150 -24.90 2.76 5.22
C LEU B 150 -25.71 1.68 4.50
N PHE B 151 -25.03 0.64 4.01
CA PHE B 151 -25.75 -0.47 3.38
C PHE B 151 -26.67 -1.17 4.38
N TYR B 152 -26.29 -1.21 5.65
CA TYR B 152 -27.10 -1.87 6.67
C TYR B 152 -28.11 -0.94 7.31
N ASP B 153 -27.78 0.35 7.43
CA ASP B 153 -28.76 1.32 7.94
C ASP B 153 -29.93 1.51 6.98
N GLN B 154 -29.74 1.22 5.69
CA GLN B 154 -30.78 1.41 4.69
C GLN B 154 -31.27 0.11 4.07
N GLY B 155 -30.55 -1.00 4.26
CA GLY B 155 -30.96 -2.26 3.68
C GLY B 155 -30.82 -2.32 2.17
N ASN B 156 -29.73 -1.77 1.63
CA ASN B 156 -29.49 -1.77 0.19
C ASN B 156 -28.70 -3.03 -0.17
N GLY B 157 -29.39 -3.99 -0.81
CA GLY B 157 -28.78 -5.25 -1.16
C GLY B 157 -28.64 -6.24 -0.03
N VAL B 158 -28.64 -5.78 1.22
CA VAL B 158 -28.54 -6.65 2.38
C VAL B 158 -29.73 -6.40 3.29
N LYS B 159 -29.78 -7.10 4.42
CA LYS B 159 -30.86 -6.91 5.38
C LYS B 159 -30.60 -5.70 6.25
N LYS B 160 -31.65 -4.91 6.48
CA LYS B 160 -31.55 -3.71 7.28
C LYS B 160 -31.15 -4.04 8.71
N ASP B 161 -29.87 -3.86 9.03
CA ASP B 161 -29.33 -4.19 10.36
C ASP B 161 -28.76 -2.93 10.98
N PRO B 162 -29.51 -2.25 11.86
CA PRO B 162 -28.98 -1.04 12.50
C PRO B 162 -27.77 -1.31 13.39
N ASN B 163 -27.68 -2.52 13.96
CA ASN B 163 -26.58 -2.80 14.89
C ASN B 163 -25.25 -2.92 14.18
N ARG B 164 -25.19 -3.74 13.13
CA ARG B 164 -23.94 -3.90 12.39
C ARG B 164 -23.52 -2.61 11.68
N ALA B 165 -24.49 -1.73 11.39
CA ALA B 165 -24.13 -0.42 10.85
C ALA B 165 -23.37 0.40 11.89
N VAL B 166 -23.74 0.28 13.16
CA VAL B 166 -23.04 1.00 14.22
C VAL B 166 -21.61 0.50 14.35
N GLN B 167 -21.41 -0.81 14.22
CA GLN B 167 -20.07 -1.38 14.38
C GLN B 167 -19.11 -0.85 13.32
N TYR B 168 -19.61 -0.60 12.10
CA TYR B 168 -18.76 -0.01 11.08
C TYR B 168 -18.51 1.47 11.36
N TYR B 169 -19.51 2.16 11.92
CA TYR B 169 -19.30 3.56 12.30
C TYR B 169 -18.28 3.67 13.42
N ILE B 170 -18.31 2.73 14.37
CA ILE B 170 -17.32 2.72 15.45
C ILE B 170 -15.92 2.49 14.89
N MET B 171 -15.79 1.57 13.94
CA MET B 171 -14.49 1.31 13.34
C MET B 171 -13.95 2.53 12.63
N GLY B 172 -14.78 3.16 11.80
CA GLY B 172 -14.36 4.38 11.12
C GLY B 172 -14.10 5.53 12.07
N ALA B 173 -14.86 5.59 13.18
CA ALA B 173 -14.64 6.65 14.15
C ALA B 173 -13.27 6.51 14.83
N GLU B 174 -12.89 5.28 15.19
CA GLU B 174 -11.58 5.08 15.80
C GLU B 174 -10.46 5.35 14.82
N LYS B 175 -10.67 5.07 13.53
CA LYS B 175 -9.68 5.36 12.50
C LYS B 175 -9.56 6.84 12.18
N GLY B 176 -10.30 7.70 12.88
CA GLY B 176 -10.23 9.13 12.66
C GLY B 176 -11.01 9.65 11.49
N ASP B 177 -11.90 8.84 10.90
CA ASP B 177 -12.68 9.28 9.75
C ASP B 177 -13.67 10.36 10.18
N GLY B 178 -13.60 11.52 9.52
CA GLY B 178 -14.46 12.63 9.86
C GLY B 178 -15.92 12.43 9.52
N GLU B 179 -16.26 11.38 8.78
CA GLU B 179 -17.64 11.11 8.40
C GLU B 179 -18.29 10.00 9.22
N ALA B 180 -17.51 9.01 9.67
CA ALA B 180 -18.07 7.93 10.47
C ALA B 180 -18.43 8.42 11.88
N GLN B 181 -17.69 9.39 12.40
CA GLN B 181 -18.00 9.91 13.73
C GLN B 181 -19.34 10.63 13.76
N LEU B 182 -19.75 11.24 12.63
CA LEU B 182 -21.07 11.85 12.55
C LEU B 182 -22.17 10.79 12.58
N PHE B 183 -22.01 9.74 11.79
CA PHE B 183 -23.00 8.66 11.79
C PHE B 183 -23.03 7.94 13.12
N LEU B 184 -21.87 7.80 13.78
CA LEU B 184 -21.85 7.19 15.10
C LEU B 184 -22.54 8.06 16.13
N ALA B 185 -22.29 9.38 16.09
CA ALA B 185 -22.98 10.29 16.98
C ALA B 185 -24.47 10.30 16.71
N ASP B 186 -24.88 10.15 15.45
CA ASP B 186 -26.29 10.02 15.13
C ASP B 186 -26.90 8.77 15.77
N CYS B 187 -26.15 7.66 15.77
CA CYS B 187 -26.65 6.44 16.38
C CYS B 187 -26.77 6.56 17.89
N TYR B 188 -25.88 7.32 18.53
CA TYR B 188 -25.98 7.53 19.97
C TYR B 188 -27.19 8.40 20.32
N ALA B 189 -27.52 9.37 19.46
CA ALA B 189 -28.65 10.26 19.73
C ALA B 189 -29.97 9.62 19.32
N LYS B 190 -30.00 9.03 18.11
CA LYS B 190 -31.20 8.35 17.64
C LYS B 190 -31.43 7.03 18.37
N ALA B 191 -30.42 6.50 19.05
CA ALA B 191 -30.50 5.21 19.73
C ALA B 191 -30.83 4.10 18.73
N SER B 192 -30.24 4.18 17.55
CA SER B 192 -30.42 3.20 16.49
C SER B 192 -29.27 2.21 16.50
N GLY B 193 -29.56 0.95 16.79
CA GLY B 193 -28.57 -0.10 16.76
C GLY B 193 -27.59 -0.02 17.92
N ILE B 194 -27.85 0.87 18.86
CA ILE B 194 -26.97 1.10 20.00
C ILE B 194 -27.75 1.87 21.05
N PRO B 195 -27.59 1.57 22.35
CA PRO B 195 -28.34 2.29 23.38
C PRO B 195 -27.99 3.76 23.40
N TYR B 196 -29.00 4.57 23.79
CA TYR B 196 -28.85 6.02 23.80
C TYR B 196 -27.77 6.45 24.77
N ASP B 197 -27.06 7.52 24.41
CA ASP B 197 -26.01 8.07 25.27
C ASP B 197 -25.76 9.50 24.83
N ALA B 198 -26.13 10.46 25.67
CA ALA B 198 -26.00 11.87 25.32
C ALA B 198 -24.56 12.36 25.44
N ASP B 199 -23.91 12.04 26.57
CA ASP B 199 -22.53 12.48 26.78
C ASP B 199 -21.56 11.88 25.76
N ARG B 200 -21.91 10.73 25.18
CA ARG B 200 -21.06 10.13 24.16
C ARG B 200 -21.42 10.58 22.75
N ALA B 201 -22.68 10.96 22.53
CA ALA B 201 -23.06 11.52 21.23
C ALA B 201 -22.40 12.87 21.01
N LEU B 202 -22.33 13.69 22.05
CA LEU B 202 -21.68 15.00 21.94
C LEU B 202 -20.19 14.87 21.66
N TYR B 203 -19.55 13.84 22.20
CA TYR B 203 -18.12 13.66 21.99
C TYR B 203 -17.80 13.40 20.53
N TRP B 204 -18.56 12.50 19.89
CA TRP B 204 -18.31 12.20 18.49
C TRP B 204 -18.79 13.30 17.56
N TYR B 205 -19.78 14.09 17.98
CA TYR B 205 -20.14 15.27 17.22
C TYR B 205 -19.01 16.29 17.22
N LYS B 206 -18.28 16.39 18.33
CA LYS B 206 -17.15 17.31 18.39
C LYS B 206 -16.00 16.83 17.52
N GLU B 207 -15.60 15.56 17.66
CA GLU B 207 -14.49 15.04 16.87
C GLU B 207 -14.81 15.06 15.38
N SER B 208 -16.09 14.89 15.01
CA SER B 208 -16.46 14.97 13.61
C SER B 208 -16.20 16.37 13.05
N ALA B 209 -16.55 17.40 13.82
CA ALA B 209 -16.31 18.77 13.39
C ALA B 209 -14.83 19.12 13.42
N LYS B 210 -14.08 18.55 14.38
CA LYS B 210 -12.64 18.80 14.43
C LYS B 210 -11.91 18.28 13.20
N ASN B 211 -12.48 17.29 12.52
CA ASN B 211 -11.91 16.76 11.29
C ASN B 211 -12.41 17.49 10.05
N GLY B 212 -13.30 18.45 10.20
CA GLY B 212 -13.78 19.24 9.09
C GLY B 212 -15.09 18.81 8.49
N ASN B 213 -15.93 18.08 9.22
CA ASN B 213 -17.22 17.65 8.71
C ASN B 213 -18.21 18.82 8.80
N ILE B 214 -18.62 19.33 7.64
CA ILE B 214 -19.52 20.49 7.63
C ILE B 214 -20.90 20.12 8.16
N THR B 215 -21.40 18.94 7.78
CA THR B 215 -22.72 18.51 8.24
C THR B 215 -22.75 18.40 9.76
N ALA B 216 -21.67 17.93 10.37
CA ALA B 216 -21.61 17.84 11.82
C ALA B 216 -21.59 19.22 12.47
N MET B 217 -20.94 20.19 11.82
CA MET B 217 -20.90 21.54 12.38
C MET B 217 -22.30 22.15 12.44
N LYS B 218 -23.07 22.02 11.36
CA LYS B 218 -24.42 22.57 11.33
C LYS B 218 -25.34 21.85 12.31
N VAL B 219 -25.10 20.56 12.55
CA VAL B 219 -25.86 19.84 13.56
C VAL B 219 -25.40 20.24 14.96
N LEU B 220 -24.09 20.42 15.15
CA LEU B 220 -23.57 20.80 16.46
C LEU B 220 -24.01 22.21 16.83
N SER B 221 -24.10 23.11 15.86
CA SER B 221 -24.56 24.47 16.16
C SER B 221 -26.03 24.47 16.57
N GLY B 222 -26.84 23.63 15.94
CA GLY B 222 -28.23 23.51 16.34
C GLY B 222 -28.43 22.85 17.69
N ILE B 223 -27.44 22.10 18.17
CA ILE B 223 -27.53 21.50 19.50
C ILE B 223 -27.14 22.51 20.57
N TYR B 224 -26.04 23.22 20.34
CA TYR B 224 -25.62 24.26 21.28
C TYR B 224 -26.62 25.42 21.35
N LYS B 225 -27.39 25.63 20.29
CA LYS B 225 -28.40 26.70 20.26
C LYS B 225 -29.71 26.24 20.90
N LEU B 226 -30.32 25.19 20.35
CA LEU B 226 -31.62 24.72 20.82
C LEU B 226 -31.53 24.01 22.17
N GLY B 227 -30.32 23.76 22.67
CA GLY B 227 -30.15 23.10 23.96
C GLY B 227 -30.65 21.67 23.94
N GLN B 228 -29.95 20.79 23.24
CA GLN B 228 -30.35 19.40 23.10
C GLN B 228 -29.37 18.49 23.82
N LEU B 229 -29.75 17.21 23.95
CA LEU B 229 -28.95 16.18 24.59
C LEU B 229 -28.62 16.52 26.04
N GLY B 230 -29.48 17.32 26.68
CA GLY B 230 -29.34 17.64 28.08
C GLY B 230 -28.07 18.39 28.45
N ILE B 231 -27.92 19.60 27.93
CA ILE B 231 -26.77 20.45 28.26
C ILE B 231 -27.21 21.90 28.19
N GLU B 232 -26.52 22.74 28.95
CA GLU B 232 -26.89 24.16 29.01
C GLU B 232 -26.72 24.82 27.65
N LYS B 233 -27.68 25.66 27.29
CA LYS B 233 -27.64 26.38 26.03
C LYS B 233 -26.47 27.35 26.01
N ASN B 234 -25.72 27.36 24.90
CA ASN B 234 -24.56 28.22 24.74
C ASN B 234 -24.66 28.90 23.39
N PRO B 235 -25.35 30.05 23.31
CA PRO B 235 -25.43 30.77 22.03
C PRO B 235 -24.08 31.26 21.53
N GLU B 236 -23.08 31.38 22.41
CA GLU B 236 -21.77 31.84 21.99
C GLU B 236 -21.04 30.78 21.18
N LYS B 237 -21.16 29.51 21.59
CA LYS B 237 -20.47 28.43 20.87
C LYS B 237 -21.23 27.98 19.64
N SER B 238 -22.56 28.16 19.61
CA SER B 238 -23.33 27.80 18.42
C SER B 238 -22.99 28.71 17.25
N ARG B 239 -22.57 29.94 17.53
CA ARG B 239 -22.14 30.84 16.45
C ARG B 239 -20.81 30.39 15.86
N HIS B 240 -19.91 29.89 16.70
CA HIS B 240 -18.60 29.44 16.22
C HIS B 240 -18.73 28.27 15.27
N TRP B 241 -19.74 27.42 15.46
CA TRP B 241 -19.95 26.29 14.58
C TRP B 241 -20.84 26.62 13.39
N LEU B 242 -21.57 27.73 13.44
CA LEU B 242 -22.30 28.17 12.27
C LEU B 242 -21.40 28.91 11.29
N GLU B 243 -20.43 29.68 11.82
CA GLU B 243 -19.53 30.43 10.96
C GLU B 243 -18.46 29.54 10.33
N MET B 244 -17.93 28.58 11.09
CA MET B 244 -16.96 27.65 10.55
C MET B 244 -17.60 26.57 9.68
N ALA B 245 -18.93 26.46 9.69
CA ALA B 245 -19.63 25.61 8.73
C ALA B 245 -19.89 26.31 7.41
N LYS B 246 -19.69 27.63 7.34
CA LYS B 246 -19.93 28.37 6.12
C LYS B 246 -18.91 27.97 5.05
N GLN B 247 -19.40 27.52 3.90
CA GLN B 247 -18.55 27.17 2.78
C GLN B 247 -18.53 28.30 1.77
N LYS B 248 -17.34 28.57 1.23
CA LYS B 248 -17.16 29.66 0.29
C LYS B 248 -16.08 29.29 -0.70
N GLU B 249 -16.40 29.41 -2.00
CA GLU B 249 -15.46 29.06 -3.06
C GLU B 249 -14.46 30.20 -3.25
N ALA B 250 -13.62 30.39 -2.24
CA ALA B 250 -12.59 31.41 -2.30
C ALA B 250 -11.59 31.10 -3.42
N GLN B 251 -11.06 32.16 -4.02
CA GLN B 251 -10.18 32.02 -5.17
C GLN B 251 -8.76 32.43 -4.79
N PRO B 252 -7.81 31.50 -4.67
CA PRO B 252 -6.42 31.80 -4.34
C PRO B 252 -5.67 32.44 -5.51
#